data_9HAC
#
_entry.id   9HAC
#
_cell.length_a   41.430
_cell.length_b   41.530
_cell.length_c   94.000
_cell.angle_alpha   78.426
_cell.angle_beta   82.008
_cell.angle_gamma   87.018
#
_symmetry.space_group_name_H-M   'P 1'
#
loop_
_entity.id
_entity.type
_entity.pdbx_description
1 polymer BBF-14
2 polymer BBF-14_binder4
3 non-polymer 'HEXAETHYLENE GLYCOL'
4 non-polymer 'POTASSIUM ION'
5 non-polymer 'TETRAETHYLENE GLYCOL'
6 non-polymer 'CHLORIDE ION'
7 water water
#
loop_
_entity_poly.entity_id
_entity_poly.type
_entity_poly.pdbx_seq_one_letter_code
_entity_poly.pdbx_strand_id
1 'polypeptide(L)'
;MGTPLWALLGGPWRGTATYEDGTKVTLDYRYTRVSPDRLRADVTYTTPDGTTLEATVDLWKDANGVIRYHATYPDGTSAD
GTLTQLDADTLLATGTYDDGTKYTVTLTRVAPGSGWHHHHHH
;
A,C
2 'polypeptide(L)'
;SPIQEEIQKKVRELLEKLIEYLEELKEKAKPPFKEKLEEVIEGLERLKEEVDKVQLNMNLIVFEGLEVDEEGRVWFIVKE
MLHATTEEEALENMDKFLESWEKVFKELLEYHFEHNDTSPTFDFFLDFLWWQLYGEPMPKGSHHHHH
;
B,D
#
# COMPACT_ATOMS: atom_id res chain seq x y z
N GLY A 2 -2.93 6.46 5.70
CA GLY A 2 -2.01 7.53 6.06
C GLY A 2 -1.12 7.97 4.91
N THR A 3 -1.46 9.12 4.33
CA THR A 3 -0.83 9.66 3.12
C THR A 3 -1.19 11.14 2.96
N PRO A 4 -0.27 11.99 2.48
CA PRO A 4 -0.62 13.39 2.26
C PRO A 4 -1.91 13.58 1.44
N LEU A 5 -2.71 14.56 1.87
CA LEU A 5 -4.04 14.79 1.29
C LEU A 5 -3.97 15.11 -0.20
N TRP A 6 -2.99 15.90 -0.61
CA TRP A 6 -2.93 16.40 -1.98
C TRP A 6 -2.91 15.29 -3.01
N ALA A 7 -2.39 14.12 -2.65
CA ALA A 7 -2.34 12.98 -3.56
C ALA A 7 -3.70 12.65 -4.15
N LEU A 8 -4.78 13.20 -3.59
CA LEU A 8 -6.12 12.87 -4.09
C LEU A 8 -6.69 13.91 -5.04
N LEU A 9 -6.27 15.17 -4.95
CA LEU A 9 -6.82 16.19 -5.84
C LEU A 9 -6.27 16.05 -7.25
N GLY A 10 -4.95 16.00 -7.37
CA GLY A 10 -4.30 16.12 -8.66
C GLY A 10 -4.67 15.02 -9.65
N GLY A 11 -4.17 15.21 -10.88
CA GLY A 11 -4.42 14.30 -11.96
C GLY A 11 -5.78 14.54 -12.59
N PRO A 12 -6.17 13.69 -13.53
CA PRO A 12 -7.55 13.73 -14.03
C PRO A 12 -8.50 13.09 -13.02
N TRP A 13 -9.69 13.67 -12.91
CA TRP A 13 -10.69 13.23 -11.94
C TRP A 13 -11.46 12.03 -12.49
N ARG A 14 -10.73 10.94 -12.73
CA ARG A 14 -11.29 9.70 -13.24
C ARG A 14 -10.53 8.54 -12.63
N GLY A 15 -11.26 7.53 -12.16
CA GLY A 15 -10.59 6.37 -11.61
C GLY A 15 -11.39 5.10 -11.83
N THR A 16 -10.87 4.02 -11.28
CA THR A 16 -11.46 2.70 -11.39
C THR A 16 -11.30 1.99 -10.06
N ALA A 17 -12.40 1.50 -9.51
CA ALA A 17 -12.42 0.77 -8.26
C ALA A 17 -12.39 -0.70 -8.60
N THR A 18 -11.29 -1.36 -8.23
CA THR A 18 -11.15 -2.80 -8.36
C THR A 18 -11.53 -3.41 -7.02
N TYR A 19 -12.64 -4.15 -7.01
CA TYR A 19 -13.09 -4.82 -5.80
C TYR A 19 -12.31 -6.11 -5.60
N GLU A 20 -12.55 -6.75 -4.44
CA GLU A 20 -11.78 -7.92 -4.06
C GLU A 20 -11.97 -9.09 -5.02
N ASP A 21 -13.06 -9.12 -5.77
CA ASP A 21 -13.39 -10.30 -6.58
C ASP A 21 -13.12 -10.10 -8.06
N GLY A 22 -12.76 -8.89 -8.50
CA GLY A 22 -12.51 -8.59 -9.89
C GLY A 22 -13.45 -7.56 -10.48
N THR A 23 -14.62 -7.37 -9.88
CA THR A 23 -15.55 -6.34 -10.30
C THR A 23 -14.85 -4.99 -10.38
N LYS A 24 -14.95 -4.35 -11.54
CA LYS A 24 -14.41 -3.01 -11.73
C LYS A 24 -15.54 -2.02 -11.95
N VAL A 25 -15.49 -0.92 -11.21
CA VAL A 25 -16.52 0.12 -11.28
C VAL A 25 -15.82 1.45 -11.50
N THR A 26 -16.17 2.16 -12.55
CA THR A 26 -15.48 3.40 -12.87
C THR A 26 -16.04 4.54 -12.02
N LEU A 27 -15.16 5.43 -11.60
CA LEU A 27 -15.50 6.56 -10.75
C LEU A 27 -15.24 7.84 -11.52
N ASP A 28 -16.28 8.64 -11.71
CA ASP A 28 -16.17 10.00 -12.24
C ASP A 28 -16.53 10.94 -11.09
N TYR A 29 -15.53 11.64 -10.56
CA TYR A 29 -15.69 12.41 -9.33
C TYR A 29 -15.26 13.86 -9.54
N ARG A 30 -15.66 14.71 -8.60
CA ARG A 30 -15.42 16.16 -8.69
C ARG A 30 -15.36 16.75 -7.30
N TYR A 31 -14.28 17.46 -7.00
CA TYR A 31 -14.08 18.05 -5.68
C TYR A 31 -14.78 19.41 -5.58
N THR A 32 -15.72 19.53 -4.65
CA THR A 32 -16.50 20.76 -4.50
C THR A 32 -15.85 21.73 -3.50
N ARG A 33 -15.51 21.27 -2.30
CA ARG A 33 -14.91 22.13 -1.28
C ARG A 33 -13.61 21.53 -0.76
N VAL A 34 -12.75 22.42 -0.28
CA VAL A 34 -11.38 22.07 0.08
C VAL A 34 -10.99 22.86 1.33
N SER A 35 -10.41 22.17 2.30
CA SER A 35 -9.90 22.77 3.53
C SER A 35 -8.53 22.20 3.81
N PRO A 36 -7.70 22.90 4.60
CA PRO A 36 -6.40 22.33 4.97
C PRO A 36 -6.50 20.96 5.59
N ASP A 37 -7.57 20.71 6.33
CA ASP A 37 -7.78 19.44 7.00
C ASP A 37 -8.70 18.50 6.24
N ARG A 38 -9.70 19.02 5.54
CA ARG A 38 -10.76 18.21 4.98
C ARG A 38 -10.90 18.46 3.48
N LEU A 39 -11.72 17.63 2.84
CA LEU A 39 -12.03 17.68 1.42
C LEU A 39 -13.43 17.12 1.22
N ARG A 40 -14.22 17.74 0.35
CA ARG A 40 -15.53 17.20 -0.01
C ARG A 40 -15.60 16.96 -1.51
N ALA A 41 -16.35 15.94 -1.91
CA ALA A 41 -16.43 15.65 -3.34
C ALA A 41 -17.71 14.88 -3.65
N ASP A 42 -18.25 15.12 -4.84
CA ASP A 42 -19.33 14.32 -5.39
C ASP A 42 -18.76 13.28 -6.35
N VAL A 43 -19.24 12.05 -6.23
CA VAL A 43 -18.69 10.91 -6.97
C VAL A 43 -19.81 10.20 -7.69
N THR A 44 -19.52 9.69 -8.88
CA THR A 44 -20.48 8.96 -9.68
C THR A 44 -19.85 7.63 -10.09
N TYR A 45 -20.44 6.54 -9.63
CA TYR A 45 -19.92 5.21 -9.94
C TYR A 45 -20.59 4.70 -11.20
N THR A 46 -19.96 3.71 -11.82
CA THR A 46 -20.54 3.06 -12.99
C THR A 46 -20.16 1.60 -12.97
N THR A 47 -21.16 0.73 -12.85
CA THR A 47 -20.93 -0.70 -12.82
C THR A 47 -20.58 -1.18 -14.23
N PRO A 48 -20.12 -2.42 -14.37
CA PRO A 48 -19.83 -2.91 -15.72
C PRO A 48 -21.09 -3.11 -16.57
N ASP A 49 -22.25 -3.35 -15.94
CA ASP A 49 -23.47 -3.54 -16.71
C ASP A 49 -24.08 -2.22 -17.18
N GLY A 50 -23.69 -1.10 -16.57
CA GLY A 50 -24.15 0.21 -16.96
C GLY A 50 -24.88 0.98 -15.88
N THR A 51 -25.06 0.43 -14.69
CA THR A 51 -25.77 1.14 -13.62
C THR A 51 -24.87 2.21 -13.01
N THR A 52 -25.44 3.39 -12.81
CA THR A 52 -24.74 4.47 -12.15
C THR A 52 -25.24 4.61 -10.71
N LEU A 53 -24.46 5.34 -9.92
CA LEU A 53 -24.83 5.67 -8.55
C LEU A 53 -24.48 7.13 -8.33
N GLU A 54 -24.53 7.56 -7.07
CA GLU A 54 -24.18 8.93 -6.73
C GLU A 54 -23.75 8.95 -5.29
N ALA A 55 -22.76 9.78 -4.97
CA ALA A 55 -22.27 9.81 -3.61
C ALA A 55 -21.74 11.19 -3.31
N THR A 56 -21.74 11.51 -2.03
CA THR A 56 -20.97 12.64 -1.52
C THR A 56 -20.02 12.07 -0.46
N VAL A 57 -18.73 12.30 -0.67
CA VAL A 57 -17.68 11.71 0.14
C VAL A 57 -16.95 12.83 0.86
N ASP A 58 -16.79 12.65 2.17
CA ASP A 58 -16.07 13.57 3.04
C ASP A 58 -14.76 12.89 3.41
N LEU A 59 -13.67 13.45 2.91
CA LEU A 59 -12.32 12.98 3.18
C LEU A 59 -11.70 13.90 4.23
N TRP A 60 -10.95 13.32 5.15
CA TRP A 60 -10.25 14.18 6.10
C TRP A 60 -9.07 13.43 6.69
N LYS A 61 -8.05 14.18 7.08
CA LYS A 61 -6.92 13.62 7.80
C LYS A 61 -7.17 13.78 9.29
N ASP A 62 -6.91 12.72 10.05
CA ASP A 62 -7.22 12.74 11.47
C ASP A 62 -6.10 13.41 12.25
N ALA A 63 -6.06 13.18 13.57
CA ALA A 63 -4.97 13.69 14.38
C ALA A 63 -3.64 13.06 13.98
N ASN A 64 -3.61 11.72 13.90
CA ASN A 64 -2.37 10.98 13.69
C ASN A 64 -1.93 10.94 12.22
N GLY A 65 -2.60 11.66 11.32
CA GLY A 65 -2.17 11.73 9.93
C GLY A 65 -2.80 10.73 8.99
N VAL A 66 -3.66 9.85 9.49
CA VAL A 66 -4.31 8.84 8.65
C VAL A 66 -5.47 9.48 7.91
N ILE A 67 -5.69 9.04 6.66
CA ILE A 67 -6.81 9.51 5.84
C ILE A 67 -8.05 8.67 6.12
N ARG A 68 -9.13 9.32 6.54
CA ARG A 68 -10.40 8.67 6.78
C ARG A 68 -11.49 9.32 5.92
N TYR A 69 -12.54 8.55 5.65
CA TYR A 69 -13.59 9.01 4.75
C TYR A 69 -14.94 8.49 5.17
N HIS A 70 -15.97 9.27 4.82
CA HIS A 70 -17.37 8.92 5.00
C HIS A 70 -18.13 9.18 3.70
N ALA A 71 -18.82 8.17 3.19
CA ALA A 71 -19.52 8.25 1.91
C ALA A 71 -21.03 8.10 2.11
N THR A 72 -21.79 9.01 1.48
CA THR A 72 -23.24 9.05 1.56
C THR A 72 -23.83 8.80 0.18
N TYR A 73 -24.75 7.84 0.10
CA TYR A 73 -25.33 7.33 -1.13
C TYR A 73 -26.84 7.59 -1.19
N PRO A 74 -27.46 7.46 -2.38
CA PRO A 74 -28.90 7.68 -2.48
C PRO A 74 -29.75 6.48 -2.07
N ASP A 75 -29.12 5.36 -1.69
CA ASP A 75 -29.84 4.19 -1.21
C ASP A 75 -29.97 4.22 0.31
N GLY A 76 -29.84 5.40 0.91
CA GLY A 76 -29.78 5.48 2.36
C GLY A 76 -28.63 4.70 2.95
N THR A 77 -27.65 4.34 2.14
CA THR A 77 -26.54 3.50 2.55
C THR A 77 -25.32 4.35 2.82
N SER A 78 -24.60 4.02 3.88
CA SER A 78 -23.40 4.74 4.28
C SER A 78 -22.17 3.86 4.11
N ALA A 79 -21.01 4.50 4.05
CA ALA A 79 -19.74 3.80 4.06
C ALA A 79 -18.73 4.59 4.88
N ASP A 80 -17.88 3.89 5.63
CA ASP A 80 -16.87 4.57 6.42
C ASP A 80 -15.56 3.80 6.38
N GLY A 81 -14.44 4.50 6.22
CA GLY A 81 -13.21 3.75 6.17
C GLY A 81 -11.97 4.61 6.16
N THR A 82 -10.85 3.97 5.83
CA THR A 82 -9.55 4.59 5.75
C THR A 82 -8.95 4.38 4.37
N LEU A 83 -8.08 5.31 3.95
CA LEU A 83 -7.46 5.31 2.63
C LEU A 83 -5.94 5.33 2.78
N THR A 84 -5.30 4.24 2.37
CA THR A 84 -3.84 4.13 2.39
C THR A 84 -3.30 4.19 0.96
N GLN A 85 -2.48 5.18 0.66
CA GLN A 85 -1.89 5.25 -0.67
C GLN A 85 -0.92 4.10 -0.91
N LEU A 86 -1.07 3.45 -2.06
CA LEU A 86 -0.18 2.37 -2.46
C LEU A 86 0.89 2.84 -3.45
N ASP A 87 0.52 3.69 -4.40
CA ASP A 87 1.49 4.42 -5.20
C ASP A 87 0.83 5.73 -5.60
N ALA A 88 1.41 6.43 -6.57
CA ALA A 88 0.95 7.77 -6.89
C ALA A 88 -0.45 7.76 -7.51
N ASP A 89 -0.82 6.67 -8.18
CA ASP A 89 -2.11 6.57 -8.83
C ASP A 89 -3.10 5.67 -8.10
N THR A 90 -2.65 4.91 -7.10
CA THR A 90 -3.46 3.87 -6.48
C THR A 90 -3.52 4.12 -4.99
N LEU A 91 -4.72 4.07 -4.43
CA LEU A 91 -4.86 4.06 -2.99
C LEU A 91 -5.93 3.07 -2.59
N LEU A 92 -5.68 2.37 -1.49
CA LEU A 92 -6.50 1.27 -1.03
C LEU A 92 -7.45 1.77 0.05
N ALA A 93 -8.74 1.66 -0.22
CA ALA A 93 -9.76 1.93 0.78
C ALA A 93 -10.05 0.64 1.53
N THR A 94 -10.14 0.74 2.84
CA THR A 94 -10.56 -0.39 3.65
C THR A 94 -11.55 0.14 4.66
N GLY A 95 -12.69 -0.53 4.80
CA GLY A 95 -13.71 0.05 5.63
C GLY A 95 -14.91 -0.86 5.77
N THR A 96 -15.97 -0.26 6.32
CA THR A 96 -17.18 -0.97 6.66
C THR A 96 -18.38 -0.20 6.10
N TYR A 97 -19.28 -0.91 5.45
CA TYR A 97 -20.55 -0.35 5.01
C TYR A 97 -21.43 -0.06 6.22
N ASP A 98 -22.64 0.44 5.96
CA ASP A 98 -23.52 0.80 7.06
C ASP A 98 -24.17 -0.40 7.72
N ASP A 99 -24.54 -1.44 6.96
CA ASP A 99 -25.12 -2.61 7.61
C ASP A 99 -24.09 -3.45 8.35
N GLY A 100 -22.81 -3.10 8.26
CA GLY A 100 -21.77 -3.81 8.97
C GLY A 100 -20.83 -4.60 8.09
N THR A 101 -21.18 -4.81 6.81
CA THR A 101 -20.37 -5.66 5.94
C THR A 101 -19.10 -4.91 5.54
N LYS A 102 -17.95 -5.53 5.78
CA LYS A 102 -16.67 -4.90 5.53
C LYS A 102 -16.27 -5.06 4.07
N TYR A 103 -15.23 -4.32 3.68
CA TYR A 103 -14.78 -4.36 2.29
C TYR A 103 -13.42 -3.70 2.17
N THR A 104 -12.79 -3.99 1.03
CA THR A 104 -11.49 -3.48 0.63
C THR A 104 -11.57 -3.20 -0.86
N VAL A 105 -11.12 -2.03 -1.28
CA VAL A 105 -11.28 -1.59 -2.67
C VAL A 105 -10.02 -0.86 -3.11
N THR A 106 -9.48 -1.27 -4.26
CA THR A 106 -8.31 -0.60 -4.82
C THR A 106 -8.80 0.50 -5.75
N LEU A 107 -8.69 1.75 -5.33
CA LEU A 107 -9.07 2.88 -6.17
C LEU A 107 -7.83 3.34 -6.93
N THR A 108 -7.81 3.09 -8.24
CA THR A 108 -6.72 3.53 -9.09
C THR A 108 -7.20 4.71 -9.93
N ARG A 109 -6.27 5.56 -10.34
CA ARG A 109 -6.58 6.70 -11.19
C ARG A 109 -6.15 6.42 -12.63
N VAL A 110 -6.88 7.01 -13.57
CA VAL A 110 -6.65 6.78 -14.99
C VAL A 110 -5.55 7.71 -15.47
N ALA A 111 -4.52 7.13 -16.08
CA ALA A 111 -3.38 7.83 -16.68
C ALA A 111 -3.63 8.05 -18.17
N PRO A 112 -3.20 9.18 -18.71
CA PRO A 112 -3.49 9.48 -20.12
C PRO A 112 -2.73 8.59 -21.07
N GLY A 113 -3.02 8.72 -22.37
CA GLY A 113 -2.35 7.92 -23.37
C GLY A 113 -0.94 8.36 -23.65
N SER A 114 -0.64 9.63 -23.38
CA SER A 114 0.66 10.19 -23.69
C SER A 114 1.80 9.47 -22.99
N GLY A 115 1.53 8.71 -21.93
CA GLY A 115 2.61 8.09 -21.18
C GLY A 115 2.42 6.66 -20.72
N TRP A 116 3.29 6.27 -19.77
CA TRP A 116 3.33 4.91 -19.24
C TRP A 116 2.07 4.67 -18.41
N HIS A 117 1.19 3.81 -18.90
CA HIS A 117 -0.05 3.59 -18.18
C HIS A 117 0.17 2.77 -16.91
N HIS A 118 0.94 1.69 -17.01
CA HIS A 118 1.24 0.85 -15.85
C HIS A 118 2.00 1.65 -14.80
N HIS A 119 1.56 1.56 -13.52
CA HIS A 119 2.18 2.37 -12.46
C HIS A 119 2.42 1.55 -11.18
N HIS A 120 3.49 0.76 -11.16
CA HIS A 120 3.90 0.14 -9.90
C HIS A 120 4.42 1.20 -8.94
N HIS A 121 5.36 2.03 -9.40
CA HIS A 121 5.90 3.15 -8.64
C HIS A 121 6.42 2.69 -7.27
N HIS A 122 7.16 1.59 -7.29
CA HIS A 122 7.70 1.03 -6.05
C HIS A 122 9.20 0.81 -6.15
N GLY B 2 -3.63 -8.42 -1.47
CA GLY B 2 -3.42 -9.49 -2.43
C GLY B 2 -1.96 -9.77 -2.70
N THR B 3 -1.45 -10.87 -2.13
CA THR B 3 -0.02 -11.17 -2.24
C THR B 3 0.24 -12.62 -1.89
N PRO B 4 1.15 -13.29 -2.61
CA PRO B 4 1.48 -14.69 -2.30
C PRO B 4 1.85 -14.88 -0.84
N LEU B 5 1.45 -16.03 -0.27
CA LEU B 5 1.77 -16.32 1.11
C LEU B 5 3.27 -16.28 1.35
N TRP B 6 4.06 -16.65 0.33
CA TRP B 6 5.50 -16.73 0.49
C TRP B 6 6.09 -15.42 0.97
N ALA B 7 5.51 -14.29 0.53
CA ALA B 7 6.00 -12.98 0.91
C ALA B 7 6.08 -12.77 2.42
N LEU B 8 5.45 -13.65 3.20
CA LEU B 8 5.47 -13.49 4.64
C LEU B 8 6.51 -14.38 5.31
N LEU B 9 6.90 -15.48 4.67
CA LEU B 9 7.84 -16.40 5.28
C LEU B 9 9.28 -15.89 5.22
N GLY B 10 9.75 -15.53 4.04
CA GLY B 10 11.17 -15.27 3.83
C GLY B 10 11.71 -14.15 4.69
N GLY B 11 13.03 -13.99 4.61
CA GLY B 11 13.73 -12.97 5.36
C GLY B 11 14.00 -13.41 6.79
N PRO B 12 14.49 -12.50 7.61
CA PRO B 12 14.58 -12.78 9.05
C PRO B 12 13.19 -12.71 9.67
N TRP B 13 12.93 -13.62 10.61
CA TRP B 13 11.61 -13.70 11.25
C TRP B 13 11.53 -12.68 12.38
N ARG B 14 11.59 -11.42 11.99
CA ARG B 14 11.65 -10.31 12.94
C ARG B 14 11.22 -9.05 12.22
N GLY B 15 10.46 -8.22 12.91
CA GLY B 15 9.90 -7.04 12.30
C GLY B 15 9.47 -6.01 13.32
N THR B 16 8.83 -4.96 12.82
CA THR B 16 8.38 -3.85 13.64
C THR B 16 7.00 -3.42 13.16
N ALA B 17 6.05 -3.38 14.09
CA ALA B 17 4.68 -2.94 13.82
C ALA B 17 4.58 -1.48 14.22
N THR B 18 4.37 -0.62 13.24
CA THR B 18 4.16 0.80 13.47
C THR B 18 2.67 1.09 13.47
N TYR B 19 2.16 1.53 14.61
CA TYR B 19 0.76 1.86 14.78
C TYR B 19 0.45 3.25 14.22
N GLU B 20 -0.85 3.58 14.22
CA GLU B 20 -1.31 4.82 13.61
C GLU B 20 -0.75 6.07 14.28
N ASP B 21 -0.36 5.98 15.55
CA ASP B 21 0.01 7.16 16.32
C ASP B 21 1.51 7.33 16.49
N GLY B 22 2.32 6.36 16.05
CA GLY B 22 3.76 6.40 16.19
C GLY B 22 4.34 5.28 17.01
N THR B 23 3.53 4.65 17.87
CA THR B 23 3.97 3.49 18.63
C THR B 23 4.58 2.43 17.73
N LYS B 24 5.80 2.02 18.06
CA LYS B 24 6.46 0.92 17.38
C LYS B 24 6.61 -0.25 18.35
N VAL B 25 6.23 -1.44 17.90
CA VAL B 25 6.28 -2.65 18.72
C VAL B 25 7.01 -3.73 17.91
N THR B 26 8.06 -4.29 18.49
CA THR B 26 8.88 -5.26 17.74
C THR B 26 8.24 -6.64 17.82
N LEU B 27 8.30 -7.36 16.69
CA LEU B 27 7.70 -8.68 16.54
C LEU B 27 8.80 -9.70 16.28
N ASP B 28 8.89 -10.71 17.15
CA ASP B 28 9.74 -11.88 16.92
C ASP B 28 8.79 -13.06 16.68
N TYR B 29 8.76 -13.56 15.44
CA TYR B 29 7.74 -14.53 15.07
C TYR B 29 8.39 -15.80 14.51
N ARG B 30 7.58 -16.86 14.45
CA ARG B 30 8.06 -18.19 14.07
C ARG B 30 6.91 -18.97 13.46
N TYR B 31 7.09 -19.47 12.24
CA TYR B 31 6.06 -20.23 11.54
C TYR B 31 6.13 -21.69 11.97
N THR B 32 5.04 -22.19 12.54
CA THR B 32 5.02 -23.54 13.08
C THR B 32 4.58 -24.57 12.04
N ARG B 33 3.42 -24.38 11.41
CA ARG B 33 2.92 -25.27 10.38
C ARG B 33 2.53 -24.46 9.16
N VAL B 34 2.55 -25.11 8.00
CA VAL B 34 2.44 -24.43 6.71
C VAL B 34 1.59 -25.28 5.77
N SER B 35 0.65 -24.64 5.08
CA SER B 35 -0.21 -25.28 4.11
C SER B 35 -0.27 -24.43 2.85
N PRO B 36 -0.62 -25.03 1.70
CA PRO B 36 -0.79 -24.23 0.48
C PRO B 36 -1.78 -23.09 0.66
N ASP B 37 -2.79 -23.30 1.49
CA ASP B 37 -3.81 -22.30 1.74
C ASP B 37 -3.53 -21.48 2.99
N ARG B 38 -2.92 -22.07 4.01
CA ARG B 38 -2.83 -21.44 5.33
C ARG B 38 -1.38 -21.37 5.79
N LEU B 39 -1.21 -20.68 6.91
CA LEU B 39 0.05 -20.51 7.60
C LEU B 39 -0.27 -20.35 9.07
N ARG B 40 0.50 -20.98 9.93
CA ARG B 40 0.36 -20.76 11.36
C ARG B 40 1.67 -20.22 11.92
N ALA B 41 1.57 -19.37 12.93
CA ALA B 41 2.80 -18.84 13.49
C ALA B 41 2.56 -18.38 14.92
N ASP B 42 3.57 -18.57 15.75
CA ASP B 42 3.59 -17.99 17.09
C ASP B 42 4.41 -16.72 17.04
N VAL B 43 3.88 -15.66 17.65
CA VAL B 43 4.46 -14.34 17.55
C VAL B 43 4.65 -13.79 18.96
N THR B 44 5.74 -13.04 19.17
CA THR B 44 6.03 -12.46 20.46
C THR B 44 6.29 -10.97 20.25
N TYR B 45 5.44 -10.14 20.84
CA TYR B 45 5.54 -8.70 20.72
C TYR B 45 6.39 -8.13 21.84
N THR B 46 6.88 -6.92 21.61
CA THR B 46 7.61 -6.18 22.63
C THR B 46 7.30 -4.70 22.44
N THR B 47 6.67 -4.10 23.44
CA THR B 47 6.32 -2.69 23.41
C THR B 47 7.58 -1.87 23.60
N PRO B 48 7.52 -0.55 23.39
CA PRO B 48 8.74 0.25 23.57
C PRO B 48 9.19 0.35 25.01
N ASP B 49 8.27 0.26 25.98
CA ASP B 49 8.66 0.33 27.38
C ASP B 49 9.22 -1.00 27.91
N GLY B 50 8.97 -2.10 27.20
CA GLY B 50 9.51 -3.39 27.59
C GLY B 50 8.48 -4.47 27.85
N THR B 51 7.18 -4.21 27.69
CA THR B 51 6.17 -5.22 27.93
C THR B 51 6.15 -6.22 26.78
N THR B 52 6.12 -7.51 27.12
CA THR B 52 6.07 -8.56 26.12
C THR B 52 4.66 -9.13 26.01
N LEU B 53 4.41 -9.83 24.90
CA LEU B 53 3.15 -10.54 24.69
C LEU B 53 3.44 -11.90 24.06
N GLU B 54 2.38 -12.56 23.64
CA GLU B 54 2.48 -13.83 22.94
C GLU B 54 1.18 -14.01 22.18
N ALA B 55 1.27 -14.58 20.99
CA ALA B 55 0.10 -14.73 20.16
C ALA B 55 0.26 -15.94 19.27
N THR B 56 -0.87 -16.48 18.81
CA THR B 56 -0.88 -17.44 17.72
C THR B 56 -1.74 -16.88 16.60
N VAL B 57 -1.17 -16.79 15.41
CA VAL B 57 -1.76 -16.12 14.27
C VAL B 57 -1.99 -17.15 13.18
N ASP B 58 -3.21 -17.14 12.63
CA ASP B 58 -3.66 -17.99 11.55
C ASP B 58 -3.78 -17.12 10.31
N LEU B 59 -2.89 -17.34 9.35
CA LEU B 59 -2.89 -16.64 8.09
C LEU B 59 -3.52 -17.53 7.04
N TRP B 60 -4.31 -16.96 6.15
CA TRP B 60 -4.83 -17.77 5.06
C TRP B 60 -5.26 -16.89 3.89
N LYS B 61 -5.18 -17.47 2.70
CA LYS B 61 -5.72 -16.86 1.48
C LYS B 61 -7.10 -17.43 1.19
N ASP B 62 -8.03 -16.54 0.83
CA ASP B 62 -9.40 -16.94 0.54
C ASP B 62 -9.49 -17.38 -0.93
N ALA B 63 -10.70 -17.44 -1.47
CA ALA B 63 -10.87 -17.74 -2.89
C ALA B 63 -10.32 -16.62 -3.76
N ASN B 64 -10.72 -15.38 -3.47
CA ASN B 64 -10.40 -14.25 -4.33
C ASN B 64 -8.96 -13.74 -4.17
N GLY B 65 -8.12 -14.43 -3.40
CA GLY B 65 -6.72 -14.08 -3.30
C GLY B 65 -6.34 -13.14 -2.19
N VAL B 66 -7.29 -12.68 -1.38
CA VAL B 66 -7.00 -11.73 -0.31
C VAL B 66 -6.35 -12.46 0.86
N ILE B 67 -5.39 -11.80 1.50
CA ILE B 67 -4.74 -12.32 2.69
C ILE B 67 -5.57 -11.91 3.90
N ARG B 68 -6.08 -12.89 4.64
CA ARG B 68 -6.84 -12.62 5.85
C ARG B 68 -6.16 -13.32 7.02
N TYR B 69 -6.37 -12.79 8.22
CA TYR B 69 -5.67 -13.32 9.37
C TYR B 69 -6.55 -13.24 10.62
N HIS B 70 -6.29 -14.18 11.53
CA HIS B 70 -6.92 -14.23 12.84
C HIS B 70 -5.82 -14.38 13.89
N ALA B 71 -5.78 -13.46 14.84
CA ALA B 71 -4.73 -13.45 15.87
C ALA B 71 -5.37 -13.69 17.23
N THR B 72 -4.82 -14.62 17.98
CA THR B 72 -5.32 -14.94 19.31
C THR B 72 -4.24 -14.58 20.32
N TYR B 73 -4.62 -13.82 21.32
CA TYR B 73 -3.78 -13.23 22.35
C TYR B 73 -4.11 -13.85 23.70
N PRO B 74 -3.20 -13.72 24.69
CA PRO B 74 -3.46 -14.34 26.00
C PRO B 74 -4.40 -13.54 26.89
N ASP B 75 -4.90 -12.39 26.43
CA ASP B 75 -5.81 -11.56 27.20
C ASP B 75 -7.26 -11.90 26.93
N GLY B 76 -7.52 -13.09 26.41
CA GLY B 76 -8.83 -13.46 25.93
C GLY B 76 -9.26 -12.55 24.79
N THR B 77 -8.31 -11.81 24.24
CA THR B 77 -8.59 -10.82 23.21
C THR B 77 -8.20 -11.36 21.85
N SER B 78 -9.06 -11.13 20.86
CA SER B 78 -8.84 -11.58 19.50
C SER B 78 -8.68 -10.38 18.57
N ALA B 79 -8.11 -10.65 17.40
CA ALA B 79 -8.04 -9.66 16.33
C ALA B 79 -8.29 -10.35 15.00
N ASP B 80 -8.98 -9.67 14.08
CA ASP B 80 -9.27 -10.25 12.78
C ASP B 80 -9.10 -9.18 11.71
N GLY B 81 -8.47 -9.52 10.61
CA GLY B 81 -8.28 -8.48 9.60
C GLY B 81 -7.71 -8.99 8.30
N THR B 82 -7.27 -8.04 7.48
CA THR B 82 -6.66 -8.30 6.19
C THR B 82 -5.28 -7.68 6.11
N LEU B 83 -4.44 -8.28 5.26
CA LEU B 83 -3.03 -7.90 5.10
C LEU B 83 -2.78 -7.55 3.63
N THR B 84 -2.47 -6.28 3.37
CA THR B 84 -2.19 -5.82 2.02
C THR B 84 -0.68 -5.59 1.88
N GLN B 85 -0.04 -6.32 0.97
CA GLN B 85 1.38 -6.08 0.73
C GLN B 85 1.59 -4.72 0.09
N LEU B 86 2.49 -3.94 0.66
CA LEU B 86 2.84 -2.62 0.14
C LEU B 86 4.18 -2.62 -0.59
N ASP B 87 5.18 -3.31 -0.05
CA ASP B 87 6.45 -3.54 -0.72
C ASP B 87 7.03 -4.84 -0.18
N ALA B 88 8.32 -5.10 -0.48
CA ALA B 88 8.89 -6.40 -0.17
C ALA B 88 9.03 -6.64 1.33
N ASP B 89 9.23 -5.57 2.11
CA ASP B 89 9.39 -5.68 3.56
C ASP B 89 8.18 -5.21 4.33
N THR B 90 7.21 -4.58 3.68
CA THR B 90 6.14 -3.85 4.35
C THR B 90 4.78 -4.36 3.91
N LEU B 91 3.92 -4.67 4.87
CA LEU B 91 2.53 -4.93 4.55
C LEU B 91 1.63 -4.31 5.62
N LEU B 92 0.50 -3.78 5.19
CA LEU B 92 -0.40 -3.04 6.04
C LEU B 92 -1.53 -3.96 6.48
N ALA B 93 -1.64 -4.18 7.79
CA ALA B 93 -2.76 -4.88 8.36
C ALA B 93 -3.83 -3.87 8.74
N THR B 94 -5.08 -4.18 8.40
CA THR B 94 -6.21 -3.38 8.83
C THR B 94 -7.30 -4.33 9.28
N GLY B 95 -7.90 -4.03 10.42
CA GLY B 95 -8.83 -5.01 10.96
C GLY B 95 -9.54 -4.49 12.19
N THR B 96 -10.20 -5.42 12.88
CA THR B 96 -11.02 -5.14 14.04
C THR B 96 -10.60 -6.06 15.17
N TYR B 97 -10.39 -5.47 16.35
CA TYR B 97 -10.12 -6.26 17.54
C TYR B 97 -11.40 -7.00 17.95
N ASP B 98 -11.31 -7.78 19.03
CA ASP B 98 -12.48 -8.56 19.42
C ASP B 98 -13.53 -7.73 20.12
N ASP B 99 -13.14 -6.72 20.91
CA ASP B 99 -14.09 -5.82 21.54
C ASP B 99 -14.76 -4.86 20.55
N GLY B 100 -14.34 -4.89 19.28
CA GLY B 100 -14.97 -4.11 18.23
C GLY B 100 -14.14 -2.96 17.70
N THR B 101 -13.07 -2.56 18.40
CA THR B 101 -12.30 -1.41 17.98
C THR B 101 -11.41 -1.77 16.78
N LYS B 102 -11.53 -1.02 15.70
CA LYS B 102 -10.74 -1.29 14.51
C LYS B 102 -9.38 -0.61 14.62
N TYR B 103 -8.48 -0.95 13.70
CA TYR B 103 -7.12 -0.47 13.77
C TYR B 103 -6.42 -0.67 12.42
N THR B 104 -5.28 -0.02 12.30
CA THR B 104 -4.38 -0.05 11.15
C THR B 104 -2.96 -0.10 11.67
N VAL B 105 -2.17 -1.05 11.17
CA VAL B 105 -0.80 -1.27 11.64
C VAL B 105 0.09 -1.63 10.46
N THR B 106 1.22 -0.96 10.32
CA THR B 106 2.18 -1.25 9.26
C THR B 106 3.22 -2.23 9.80
N LEU B 107 3.16 -3.48 9.36
CA LEU B 107 4.15 -4.47 9.75
C LEU B 107 5.29 -4.45 8.73
N THR B 108 6.45 -3.97 9.16
CA THR B 108 7.65 -3.98 8.33
C THR B 108 8.60 -5.05 8.85
N ARG B 109 9.44 -5.57 7.96
CA ARG B 109 10.44 -6.56 8.32
C ARG B 109 11.80 -5.87 8.38
N VAL B 110 12.68 -6.37 9.26
CA VAL B 110 13.96 -5.73 9.48
C VAL B 110 14.96 -6.21 8.44
N ALA B 111 15.58 -5.27 7.73
CA ALA B 111 16.60 -5.64 6.77
C ALA B 111 17.98 -5.55 7.43
N PRO B 112 18.87 -6.49 7.12
CA PRO B 112 20.16 -6.55 7.83
C PRO B 112 21.10 -5.41 7.49
N GLY B 113 22.25 -5.36 8.17
CA GLY B 113 23.20 -4.31 7.95
C GLY B 113 23.99 -4.46 6.67
N SER B 114 24.14 -5.69 6.18
CA SER B 114 24.98 -5.93 5.02
C SER B 114 24.51 -5.17 3.79
N GLY B 115 23.25 -4.72 3.79
CA GLY B 115 22.70 -4.07 2.62
C GLY B 115 21.86 -2.85 2.92
N TRP B 116 21.04 -2.46 1.95
CA TRP B 116 20.22 -1.25 2.05
C TRP B 116 19.11 -1.48 3.05
N HIS B 117 19.24 -0.83 4.21
CA HIS B 117 18.22 -0.93 5.24
C HIS B 117 16.98 -0.13 4.90
N HIS B 118 17.18 1.13 4.53
CA HIS B 118 16.05 1.96 4.13
C HIS B 118 15.37 1.33 2.92
N HIS B 119 14.06 1.36 2.92
CA HIS B 119 13.26 0.72 1.89
C HIS B 119 12.20 1.67 1.38
N HIS B 120 11.57 1.24 0.29
CA HIS B 120 10.52 2.02 -0.36
C HIS B 120 9.41 2.33 0.64
N HIS B 121 8.75 3.46 0.43
CA HIS B 121 7.81 3.96 1.42
C HIS B 121 6.62 4.62 0.73
N HIS B 122 5.49 4.59 1.40
CA HIS B 122 4.26 5.22 0.95
C HIS B 122 3.24 5.28 2.08
N PRO C 2 11.44 27.88 -24.79
CA PRO C 2 10.22 27.35 -25.43
C PRO C 2 8.96 28.05 -24.91
N ILE C 3 7.79 27.51 -25.25
CA ILE C 3 6.52 28.08 -24.77
C ILE C 3 6.46 28.08 -23.25
N GLN C 4 7.10 27.09 -22.62
CA GLN C 4 7.22 27.02 -21.16
C GLN C 4 7.68 28.35 -20.56
N GLU C 5 8.62 29.03 -21.23
CA GLU C 5 9.19 30.25 -20.68
C GLU C 5 8.14 31.32 -20.45
N GLU C 6 7.24 31.53 -21.41
CA GLU C 6 6.19 32.54 -21.22
C GLU C 6 5.37 32.22 -19.97
N ILE C 7 5.14 30.93 -19.71
CA ILE C 7 4.40 30.54 -18.51
C ILE C 7 5.20 30.90 -17.26
N GLN C 8 6.49 30.56 -17.24
CA GLN C 8 7.31 30.86 -16.07
C GLN C 8 7.33 32.36 -15.77
N LYS C 9 7.46 33.17 -16.82
CA LYS C 9 7.38 34.62 -16.69
C LYS C 9 6.02 35.04 -16.13
N LYS C 10 4.94 34.46 -16.68
CA LYS C 10 3.59 34.77 -16.21
C LYS C 10 3.42 34.41 -14.75
N VAL C 11 4.15 33.42 -14.26
CA VAL C 11 4.17 33.12 -12.82
C VAL C 11 4.76 34.27 -12.05
N ARG C 12 6.02 34.60 -12.36
CA ARG C 12 6.69 35.66 -11.60
C ARG C 12 5.96 36.99 -11.67
N GLU C 13 5.15 37.20 -12.72
CA GLU C 13 4.34 38.41 -12.81
C GLU C 13 3.41 38.57 -11.61
N LEU C 14 2.45 37.65 -11.47
CA LEU C 14 1.54 37.70 -10.33
C LEU C 14 2.29 37.61 -9.02
N LEU C 15 3.43 36.91 -9.00
CA LEU C 15 4.24 36.87 -7.78
C LEU C 15 4.61 38.28 -7.33
N GLU C 16 5.20 39.06 -8.23
CA GLU C 16 5.57 40.43 -7.86
C GLU C 16 4.35 41.31 -7.62
N LYS C 17 3.22 41.02 -8.30
CA LYS C 17 1.98 41.72 -7.99
C LYS C 17 1.66 41.62 -6.50
N LEU C 18 1.74 40.40 -5.97
CA LEU C 18 1.39 40.21 -4.57
C LEU C 18 2.50 40.71 -3.65
N ILE C 19 3.75 40.70 -4.11
CA ILE C 19 4.82 41.40 -3.40
C ILE C 19 4.41 42.85 -3.17
N GLU C 20 3.95 43.51 -4.22
CA GLU C 20 3.55 44.90 -4.13
C GLU C 20 2.40 45.09 -3.14
N TYR C 21 1.32 44.32 -3.32
CA TYR C 21 0.14 44.51 -2.46
C TYR C 21 0.49 44.31 -1.00
N LEU C 22 1.18 43.20 -0.68
CA LEU C 22 1.47 42.89 0.71
C LEU C 22 2.44 43.90 1.32
N GLU C 23 3.41 44.39 0.53
CA GLU C 23 4.34 45.37 1.08
C GLU C 23 3.66 46.70 1.35
N GLU C 24 2.76 47.13 0.46
CA GLU C 24 2.06 48.38 0.73
C GLU C 24 1.11 48.24 1.90
N LEU C 25 0.52 47.06 2.11
CA LEU C 25 -0.37 46.88 3.24
C LEU C 25 0.35 46.81 4.57
N LYS C 26 1.66 46.52 4.57
CA LYS C 26 2.40 46.51 5.83
C LYS C 26 2.53 47.93 6.36
N GLU C 27 2.14 48.12 7.61
CA GLU C 27 2.10 49.44 8.23
C GLU C 27 2.23 49.34 9.73
N LYS C 34 1.40 42.71 11.80
CA LYS C 34 1.67 42.49 10.39
C LYS C 34 2.74 41.42 10.16
N GLU C 35 3.11 40.71 11.24
CA GLU C 35 4.12 39.66 11.13
C GLU C 35 3.60 38.49 10.29
N LYS C 36 2.31 38.19 10.38
CA LYS C 36 1.72 37.16 9.52
C LYS C 36 1.83 37.56 8.05
N LEU C 37 1.59 38.84 7.76
CA LEU C 37 1.78 39.35 6.40
C LEU C 37 3.20 39.10 5.93
N GLU C 38 4.18 39.31 6.82
CA GLU C 38 5.58 39.10 6.44
C GLU C 38 5.89 37.63 6.24
N GLU C 39 5.29 36.72 7.02
CA GLU C 39 5.55 35.30 6.78
C GLU C 39 4.97 34.86 5.44
N VAL C 40 3.81 35.42 5.07
CA VAL C 40 3.25 35.16 3.74
C VAL C 40 4.20 35.64 2.65
N ILE C 41 4.68 36.89 2.80
CA ILE C 41 5.63 37.46 1.84
C ILE C 41 6.86 36.56 1.72
N GLU C 42 7.38 36.10 2.86
CA GLU C 42 8.51 35.20 2.87
C GLU C 42 8.24 33.99 2.00
N GLY C 43 7.15 33.29 2.28
CA GLY C 43 6.90 32.05 1.56
C GLY C 43 6.73 32.25 0.08
N LEU C 44 6.13 33.37 -0.33
CA LEU C 44 5.91 33.58 -1.76
C LEU C 44 7.22 33.87 -2.48
N GLU C 45 8.08 34.71 -1.89
CA GLU C 45 9.38 34.88 -2.53
C GLU C 45 10.24 33.62 -2.41
N ARG C 46 9.99 32.79 -1.39
CA ARG C 46 10.67 31.50 -1.31
C ARG C 46 10.32 30.63 -2.51
N LEU C 47 9.08 30.69 -2.96
CA LEU C 47 8.72 29.83 -4.08
C LEU C 47 9.13 30.43 -5.41
N LYS C 48 9.20 31.77 -5.49
CA LYS C 48 9.58 32.43 -6.74
C LYS C 48 10.89 31.90 -7.32
N GLU C 49 11.86 31.56 -6.47
CA GLU C 49 13.18 31.16 -6.96
C GLU C 49 13.21 29.81 -7.67
N GLU C 50 12.11 29.05 -7.67
CA GLU C 50 12.02 27.79 -8.39
C GLU C 50 11.32 27.91 -9.74
N VAL C 51 10.81 29.10 -10.08
CA VAL C 51 10.00 29.27 -11.28
C VAL C 51 10.77 28.81 -12.51
N ASP C 52 11.88 29.47 -12.83
CA ASP C 52 12.64 29.17 -14.04
C ASP C 52 13.31 27.81 -13.98
N GLN C 55 6.81 25.10 -14.49
CA GLN C 55 6.31 23.86 -15.05
C GLN C 55 4.85 24.01 -15.50
N LEU C 56 4.43 23.21 -16.48
CA LEU C 56 3.09 23.30 -17.05
C LEU C 56 2.27 22.05 -16.73
N ASN C 57 1.19 22.23 -15.96
CA ASN C 57 0.26 21.15 -15.65
C ASN C 57 -0.95 21.25 -16.56
N MET C 58 -1.34 20.13 -17.16
CA MET C 58 -2.49 20.13 -18.06
C MET C 58 -3.80 20.30 -17.30
N ASN C 59 -3.84 19.82 -16.05
CA ASN C 59 -5.05 19.85 -15.24
C ASN C 59 -4.84 20.88 -14.13
N LEU C 60 -5.68 21.91 -14.11
CA LEU C 60 -5.53 23.00 -13.15
C LEU C 60 -6.82 23.22 -12.40
N ILE C 61 -6.75 23.20 -11.07
CA ILE C 61 -7.92 23.42 -10.24
C ILE C 61 -8.19 24.91 -10.14
N VAL C 62 -9.44 25.31 -10.32
CA VAL C 62 -9.80 26.72 -10.25
C VAL C 62 -10.83 26.89 -9.13
N PHE C 63 -10.52 27.77 -8.18
CA PHE C 63 -11.43 28.07 -7.09
C PHE C 63 -12.29 29.26 -7.47
N GLU C 64 -13.58 29.18 -7.14
CA GLU C 64 -14.44 30.32 -7.36
C GLU C 64 -14.32 31.33 -6.21
N GLY C 65 -14.19 30.84 -4.99
CA GLY C 65 -14.08 31.72 -3.84
C GLY C 65 -14.02 30.94 -2.55
N LEU C 66 -14.29 31.63 -1.45
CA LEU C 66 -14.23 31.05 -0.11
C LEU C 66 -15.57 31.18 0.59
N GLU C 67 -16.00 30.12 1.25
CA GLU C 67 -17.24 30.13 2.03
C GLU C 67 -16.96 29.58 3.41
N VAL C 68 -17.43 30.28 4.42
CA VAL C 68 -17.28 29.85 5.80
C VAL C 68 -18.46 28.97 6.15
N ASP C 69 -18.20 27.86 6.83
CA ASP C 69 -19.22 26.87 7.16
C ASP C 69 -20.05 27.37 8.34
N GLU C 70 -20.83 26.47 8.95
CA GLU C 70 -21.70 26.89 10.04
C GLU C 70 -20.90 27.35 11.26
N GLU C 71 -19.65 26.91 11.37
CA GLU C 71 -18.75 27.31 12.43
C GLU C 71 -17.60 28.11 11.79
N GLY C 72 -16.54 28.33 12.55
CA GLY C 72 -15.40 29.09 12.10
C GLY C 72 -14.48 28.31 11.19
N ARG C 73 -15.06 27.49 10.31
CA ARG C 73 -14.30 26.66 9.38
C ARG C 73 -14.38 27.26 7.99
N VAL C 74 -13.23 27.60 7.43
CA VAL C 74 -13.16 28.17 6.09
C VAL C 74 -13.15 27.04 5.07
N TRP C 75 -13.72 27.31 3.89
CA TRP C 75 -13.70 26.36 2.79
C TRP C 75 -13.35 27.07 1.49
N PHE C 76 -12.61 26.37 0.64
CA PHE C 76 -12.26 26.83 -0.68
C PHE C 76 -13.20 26.15 -1.68
N ILE C 77 -14.16 26.91 -2.20
CA ILE C 77 -15.11 26.37 -3.17
C ILE C 77 -14.44 26.25 -4.53
N VAL C 78 -14.62 25.12 -5.18
CA VAL C 78 -13.96 24.82 -6.45
C VAL C 78 -14.96 25.11 -7.57
N LYS C 79 -14.49 25.81 -8.60
CA LYS C 79 -15.28 25.93 -9.83
C LYS C 79 -15.23 24.62 -10.61
N GLU C 80 -14.04 24.28 -11.10
CA GLU C 80 -13.83 23.05 -11.87
C GLU C 80 -12.32 22.90 -12.12
N MET C 81 -11.96 21.76 -12.70
CA MET C 81 -10.60 21.49 -13.13
C MET C 81 -10.52 21.81 -14.62
N LEU C 82 -9.62 22.72 -14.99
CA LEU C 82 -9.47 23.16 -16.38
C LEU C 82 -8.45 22.29 -17.08
N HIS C 83 -8.94 21.22 -17.68
CA HIS C 83 -8.11 20.33 -18.48
C HIS C 83 -7.90 20.91 -19.87
N ALA C 84 -6.68 21.38 -20.14
CA ALA C 84 -6.32 21.98 -21.41
C ALA C 84 -5.86 20.85 -22.33
N THR C 85 -6.62 20.62 -23.40
CA THR C 85 -6.25 19.56 -24.33
C THR C 85 -4.97 19.93 -25.08
N THR C 86 -4.99 21.09 -25.72
CA THR C 86 -3.96 21.58 -26.62
C THR C 86 -3.11 22.64 -25.90
N GLU C 87 -2.09 23.13 -26.63
CA GLU C 87 -1.02 23.96 -26.05
C GLU C 87 -1.51 25.38 -25.73
N GLU C 88 -2.10 26.04 -26.73
CA GLU C 88 -2.67 27.36 -26.49
C GLU C 88 -3.68 27.31 -25.36
N GLU C 89 -4.47 26.24 -25.25
CA GLU C 89 -5.34 26.09 -24.10
C GLU C 89 -4.54 25.95 -22.81
N ALA C 90 -3.34 25.36 -22.87
CA ALA C 90 -2.53 25.30 -21.67
C ALA C 90 -2.22 26.71 -21.17
N LEU C 91 -1.76 27.58 -22.07
CA LEU C 91 -1.52 28.97 -21.66
C LEU C 91 -2.79 29.64 -21.17
N GLU C 92 -3.91 29.41 -21.85
CA GLU C 92 -5.14 30.13 -21.54
C GLU C 92 -5.77 29.64 -20.24
N ASN C 93 -5.53 28.37 -19.87
CA ASN C 93 -5.95 27.87 -18.57
C ASN C 93 -5.04 28.38 -17.48
N MET C 94 -3.74 28.50 -17.76
CA MET C 94 -2.85 29.19 -16.82
C MET C 94 -3.38 30.59 -16.54
N ASP C 95 -3.85 31.27 -17.58
CA ASP C 95 -4.42 32.61 -17.43
C ASP C 95 -5.62 32.60 -16.49
N LYS C 96 -6.65 31.83 -16.85
CA LYS C 96 -7.87 31.79 -16.04
C LYS C 96 -7.57 31.36 -14.61
N PHE C 97 -6.56 30.48 -14.45
CA PHE C 97 -6.23 29.94 -13.15
C PHE C 97 -5.58 30.99 -12.26
N LEU C 98 -4.53 31.64 -12.76
CA LEU C 98 -3.91 32.70 -11.97
C LEU C 98 -4.90 33.82 -11.67
N GLU C 99 -5.80 34.11 -12.61
CA GLU C 99 -6.77 35.17 -12.30
C GLU C 99 -7.67 34.78 -11.13
N SER C 100 -8.17 33.53 -11.13
CA SER C 100 -9.03 33.12 -10.03
C SER C 100 -8.24 32.95 -8.74
N TRP C 101 -6.95 32.67 -8.86
CA TRP C 101 -6.11 32.47 -7.70
C TRP C 101 -5.87 33.79 -6.99
N GLU C 102 -5.53 34.82 -7.76
CA GLU C 102 -5.44 36.17 -7.20
C GLU C 102 -6.75 36.57 -6.56
N LYS C 103 -7.87 36.24 -7.22
CA LYS C 103 -9.20 36.57 -6.68
C LYS C 103 -9.36 36.00 -5.27
N VAL C 104 -9.15 34.69 -5.14
CA VAL C 104 -9.33 34.02 -3.85
C VAL C 104 -8.34 34.56 -2.83
N PHE C 105 -7.09 34.81 -3.25
CA PHE C 105 -6.09 35.39 -2.35
C PHE C 105 -6.56 36.71 -1.76
N LYS C 106 -7.17 37.56 -2.59
CA LYS C 106 -7.68 38.84 -2.10
C LYS C 106 -8.74 38.63 -1.02
N GLU C 107 -9.77 37.83 -1.34
CA GLU C 107 -10.78 37.54 -0.33
C GLU C 107 -10.17 36.95 0.92
N LEU C 108 -9.07 36.21 0.77
CA LEU C 108 -8.47 35.51 1.90
C LEU C 108 -7.77 36.49 2.83
N LEU C 109 -6.96 37.39 2.28
CA LEU C 109 -6.34 38.42 3.12
C LEU C 109 -7.40 39.24 3.86
N GLU C 110 -8.44 39.65 3.15
CA GLU C 110 -9.47 40.47 3.78
C GLU C 110 -10.14 39.71 4.93
N TYR C 111 -10.49 38.45 4.68
CA TYR C 111 -11.13 37.64 5.71
C TYR C 111 -10.22 37.45 6.91
N HIS C 112 -8.92 37.18 6.67
CA HIS C 112 -8.02 36.95 7.80
C HIS C 112 -7.84 38.19 8.65
N PHE C 113 -7.87 39.38 8.05
CA PHE C 113 -7.79 40.55 8.91
C PHE C 113 -9.11 40.84 9.61
N GLU C 114 -10.23 40.42 9.02
CA GLU C 114 -11.52 40.61 9.71
C GLU C 114 -11.67 39.64 10.87
N HIS C 115 -11.74 38.34 10.57
CA HIS C 115 -12.03 37.34 11.60
C HIS C 115 -10.87 37.16 12.57
N ASN C 116 -9.63 37.29 12.09
CA ASN C 116 -8.44 37.06 12.91
C ASN C 116 -8.45 35.69 13.59
N SER C 119 -4.98 29.07 12.76
CA SER C 119 -5.55 28.63 11.50
C SER C 119 -4.47 28.51 10.42
N PRO C 120 -4.41 27.36 9.76
CA PRO C 120 -3.35 27.12 8.77
C PRO C 120 -3.74 27.51 7.35
N THR C 121 -4.76 28.35 7.20
CA THR C 121 -5.33 28.59 5.89
C THR C 121 -4.34 29.21 4.90
N PHE C 122 -3.53 30.18 5.36
CA PHE C 122 -2.65 30.91 4.44
C PHE C 122 -1.51 30.03 3.92
N ASP C 123 -0.85 29.29 4.82
CA ASP C 123 0.22 28.41 4.36
C ASP C 123 -0.34 27.29 3.50
N PHE C 124 -1.57 26.87 3.76
CA PHE C 124 -2.27 25.96 2.85
C PHE C 124 -2.35 26.56 1.45
N PHE C 125 -2.87 27.78 1.35
CA PHE C 125 -2.95 28.49 0.07
C PHE C 125 -1.59 28.51 -0.65
N LEU C 126 -0.55 28.95 0.07
CA LEU C 126 0.79 29.06 -0.50
C LEU C 126 1.31 27.70 -0.99
N ASP C 127 1.27 26.70 -0.11
CA ASP C 127 1.79 25.39 -0.46
C ASP C 127 0.98 24.76 -1.59
N PHE C 128 -0.31 25.09 -1.70
CA PHE C 128 -1.11 24.59 -2.81
C PHE C 128 -0.65 25.21 -4.13
N LEU C 129 -0.27 26.49 -4.11
CA LEU C 129 0.34 27.05 -5.32
C LEU C 129 1.62 26.30 -5.66
N TRP C 130 2.52 26.16 -4.67
CA TRP C 130 3.72 25.35 -4.83
C TRP C 130 3.40 24.00 -5.46
N TRP C 131 2.34 23.35 -5.00
CA TRP C 131 2.01 22.01 -5.47
C TRP C 131 1.55 22.05 -6.92
N GLN C 132 0.57 22.91 -7.23
CA GLN C 132 0.04 22.98 -8.58
C GLN C 132 1.08 23.45 -9.58
N LEU C 133 2.19 24.02 -9.14
CA LEU C 133 3.20 24.45 -10.10
C LEU C 133 4.40 23.53 -10.17
N TYR C 134 5.02 23.21 -9.04
CA TYR C 134 6.23 22.41 -9.04
C TYR C 134 5.96 20.91 -8.92
N GLY C 135 4.84 20.51 -8.32
CA GLY C 135 4.46 19.12 -8.25
C GLY C 135 4.69 18.42 -6.93
N GLU C 136 5.13 19.12 -5.91
CA GLU C 136 5.45 18.52 -4.62
C GLU C 136 4.73 19.25 -3.51
N PRO C 137 4.57 18.62 -2.34
CA PRO C 137 3.91 19.29 -1.21
C PRO C 137 4.56 20.61 -0.83
N MET C 138 5.85 20.58 -0.51
CA MET C 138 6.67 21.73 -0.06
C MET C 138 6.10 23.12 -0.33
N GLN D 4 30.59 -22.00 -4.30
CA GLN D 4 29.28 -21.88 -4.91
C GLN D 4 28.91 -23.13 -5.69
N GLU D 5 29.87 -23.64 -6.47
CA GLU D 5 29.62 -24.79 -7.32
C GLU D 5 29.23 -26.01 -6.48
N GLU D 6 29.92 -26.22 -5.36
CA GLU D 6 29.62 -27.35 -4.49
C GLU D 6 28.16 -27.35 -4.06
N ILE D 7 27.60 -26.17 -3.81
CA ILE D 7 26.21 -26.07 -3.37
C ILE D 7 25.26 -26.53 -4.48
N GLN D 8 25.41 -25.95 -5.67
CA GLN D 8 24.55 -26.30 -6.79
C GLN D 8 24.69 -27.78 -7.17
N LYS D 9 25.91 -28.30 -7.12
CA LYS D 9 26.12 -29.73 -7.33
C LYS D 9 25.34 -30.55 -6.33
N LYS D 10 25.45 -30.21 -5.05
CA LYS D 10 24.74 -30.93 -4.00
C LYS D 10 23.22 -30.81 -4.17
N VAL D 11 22.75 -29.73 -4.78
CA VAL D 11 21.35 -29.61 -5.15
C VAL D 11 20.99 -30.67 -6.20
N ARG D 12 21.71 -30.64 -7.32
CA ARG D 12 21.43 -31.58 -8.40
C ARG D 12 21.54 -33.01 -7.95
N GLU D 13 22.29 -33.26 -6.88
CA GLU D 13 22.41 -34.59 -6.28
C GLU D 13 21.03 -35.12 -5.87
N LEU D 14 20.42 -34.50 -4.86
CA LEU D 14 19.08 -34.92 -4.44
C LEU D 14 18.08 -34.83 -5.57
N LEU D 15 18.26 -33.88 -6.49
CA LEU D 15 17.36 -33.79 -7.63
C LEU D 15 17.34 -35.11 -8.41
N GLU D 16 18.52 -35.59 -8.81
CA GLU D 16 18.60 -36.84 -9.54
C GLU D 16 18.23 -38.04 -8.66
N LYS D 17 18.47 -37.94 -7.34
CA LYS D 17 18.00 -38.98 -6.42
C LYS D 17 16.50 -39.19 -6.56
N LEU D 18 15.74 -38.10 -6.55
CA LEU D 18 14.30 -38.25 -6.65
C LEU D 18 13.87 -38.59 -8.07
N ILE D 19 14.65 -38.15 -9.06
CA ILE D 19 14.45 -38.64 -10.44
C ILE D 19 14.47 -40.16 -10.45
N GLU D 20 15.43 -40.76 -9.75
CA GLU D 20 15.45 -42.22 -9.63
C GLU D 20 14.18 -42.71 -8.96
N TYR D 21 13.93 -42.22 -7.74
CA TYR D 21 12.92 -42.83 -6.88
C TYR D 21 11.54 -42.79 -7.52
N LEU D 22 11.23 -41.73 -8.26
CA LEU D 22 9.89 -41.59 -8.81
C LEU D 22 9.63 -42.51 -10.00
N GLU D 23 10.69 -43.07 -10.60
CA GLU D 23 10.49 -43.95 -11.74
C GLU D 23 10.14 -45.36 -11.32
N GLU D 24 10.72 -45.83 -10.22
CA GLU D 24 10.41 -47.14 -9.66
C GLU D 24 9.07 -47.09 -8.92
N PRO D 32 -2.99 -43.81 -12.45
CA PRO D 32 -3.38 -43.23 -11.16
C PRO D 32 -2.33 -42.26 -10.65
N PHE D 33 -1.78 -42.56 -9.46
CA PHE D 33 -0.66 -41.79 -8.93
C PHE D 33 0.53 -41.80 -9.88
N LYS D 34 0.56 -42.74 -10.82
CA LYS D 34 1.65 -42.86 -11.79
C LYS D 34 1.75 -41.60 -12.65
N GLU D 35 0.63 -41.18 -13.23
CA GLU D 35 0.63 -40.00 -14.10
C GLU D 35 1.05 -38.74 -13.32
N LYS D 36 0.57 -38.62 -12.08
CA LYS D 36 0.98 -37.52 -11.22
C LYS D 36 2.48 -37.53 -11.02
N LEU D 37 3.05 -38.71 -10.72
CA LEU D 37 4.50 -38.82 -10.57
C LEU D 37 5.23 -38.36 -11.83
N GLU D 38 4.64 -38.64 -12.99
CA GLU D 38 5.27 -38.24 -14.25
C GLU D 38 5.32 -36.72 -14.38
N GLU D 39 4.24 -36.05 -13.99
CA GLU D 39 4.27 -34.58 -14.02
C GLU D 39 5.25 -34.02 -12.99
N VAL D 40 5.38 -34.70 -11.84
CA VAL D 40 6.36 -34.30 -10.84
C VAL D 40 7.75 -34.30 -11.44
N ILE D 41 8.11 -35.41 -12.11
CA ILE D 41 9.42 -35.50 -12.76
C ILE D 41 9.58 -34.37 -13.78
N GLU D 42 8.52 -34.07 -14.54
CA GLU D 42 8.60 -32.94 -15.47
C GLU D 42 9.04 -31.67 -14.75
N GLY D 43 8.34 -31.30 -13.68
CA GLY D 43 8.67 -30.06 -13.02
C GLY D 43 10.08 -30.06 -12.48
N LEU D 44 10.56 -31.24 -12.07
CA LEU D 44 11.91 -31.31 -11.51
C LEU D 44 12.94 -31.07 -12.60
N GLU D 45 12.72 -31.65 -13.79
CA GLU D 45 13.65 -31.41 -14.89
C GLU D 45 13.56 -29.98 -15.39
N ARG D 46 12.42 -29.32 -15.23
CA ARG D 46 12.38 -27.89 -15.52
C ARG D 46 13.26 -27.11 -14.58
N LEU D 47 13.26 -27.46 -13.29
CA LEU D 47 13.99 -26.63 -12.33
C LEU D 47 15.47 -26.97 -12.21
N LYS D 48 15.87 -28.23 -12.43
CA LYS D 48 17.27 -28.59 -12.29
C LYS D 48 18.16 -27.73 -13.19
N GLU D 49 17.67 -27.38 -14.38
CA GLU D 49 18.45 -26.60 -15.33
C GLU D 49 18.63 -25.15 -14.88
N GLU D 50 17.94 -24.75 -13.81
CA GLU D 50 18.09 -23.42 -13.23
C GLU D 50 19.03 -23.39 -12.03
N VAL D 51 19.45 -24.56 -11.55
CA VAL D 51 20.25 -24.67 -10.35
C VAL D 51 21.56 -23.89 -10.47
N GLN D 55 21.24 -19.39 -6.48
CA GLN D 55 21.57 -18.41 -5.46
C GLN D 55 21.68 -19.05 -4.09
N LEU D 56 22.42 -18.39 -3.18
CA LEU D 56 22.64 -18.90 -1.84
C LEU D 56 21.89 -18.00 -0.87
N ASN D 57 20.89 -18.57 -0.20
CA ASN D 57 20.05 -17.83 0.74
C ASN D 57 20.58 -18.04 2.16
N MET D 58 20.72 -16.93 2.89
CA MET D 58 21.24 -17.01 4.25
C MET D 58 20.24 -17.67 5.19
N ASN D 59 18.94 -17.48 4.95
CA ASN D 59 17.89 -18.00 5.82
C ASN D 59 17.17 -19.12 5.10
N LEU D 60 17.20 -20.32 5.67
CA LEU D 60 16.56 -21.48 5.04
C LEU D 60 15.60 -22.15 6.01
N ILE D 61 14.37 -22.37 5.57
CA ILE D 61 13.36 -23.00 6.40
C ILE D 61 13.58 -24.51 6.41
N VAL D 62 13.57 -25.10 7.60
CA VAL D 62 13.79 -26.53 7.79
C VAL D 62 12.56 -27.11 8.45
N PHE D 63 11.98 -28.13 7.81
CA PHE D 63 10.78 -28.80 8.26
C PHE D 63 11.08 -30.01 9.12
N GLU D 64 10.28 -30.20 10.17
CA GLU D 64 10.37 -31.43 10.95
C GLU D 64 9.56 -32.55 10.31
N GLY D 65 8.38 -32.26 9.76
CA GLY D 65 7.58 -33.35 9.22
C GLY D 65 6.23 -32.91 8.71
N LEU D 66 5.31 -33.88 8.65
CA LEU D 66 3.95 -33.68 8.15
C LEU D 66 2.94 -34.04 9.24
N GLU D 67 1.91 -33.20 9.39
CA GLU D 67 0.82 -33.45 10.33
C GLU D 67 -0.51 -33.30 9.62
N VAL D 68 -1.35 -34.33 9.67
CA VAL D 68 -2.67 -34.28 9.04
C VAL D 68 -3.70 -33.89 10.09
N ASP D 69 -4.53 -32.90 9.77
CA ASP D 69 -5.62 -32.53 10.66
C ASP D 69 -6.85 -33.38 10.33
N GLU D 70 -8.01 -32.98 10.84
CA GLU D 70 -9.25 -33.73 10.69
C GLU D 70 -9.85 -33.73 9.29
N GLU D 71 -9.43 -32.82 8.41
CA GLU D 71 -10.14 -32.61 7.15
C GLU D 71 -9.38 -33.12 5.94
N GLY D 72 -8.50 -34.09 6.11
CA GLY D 72 -7.65 -34.52 5.01
C GLY D 72 -6.83 -33.38 4.44
N ARG D 73 -6.46 -32.42 5.29
CA ARG D 73 -5.59 -31.31 4.93
C ARG D 73 -4.25 -31.57 5.58
N VAL D 74 -3.22 -31.70 4.77
CA VAL D 74 -1.88 -31.95 5.29
C VAL D 74 -1.25 -30.62 5.71
N TRP D 75 -0.35 -30.69 6.69
CA TRP D 75 0.39 -29.54 7.17
C TRP D 75 1.86 -29.89 7.16
N PHE D 76 2.69 -28.88 6.89
CA PHE D 76 4.14 -29.02 6.96
C PHE D 76 4.59 -28.44 8.28
N ILE D 77 4.92 -29.31 9.23
CA ILE D 77 5.45 -28.88 10.51
C ILE D 77 6.91 -28.50 10.34
N VAL D 78 7.25 -27.33 10.82
CA VAL D 78 8.54 -26.69 10.62
C VAL D 78 9.42 -26.94 11.83
N LYS D 79 10.67 -27.29 11.59
CA LYS D 79 11.66 -27.32 12.65
C LYS D 79 12.10 -25.91 13.02
N GLU D 80 12.76 -25.21 12.09
CA GLU D 80 13.26 -23.88 12.41
C GLU D 80 13.82 -23.19 11.17
N MET D 81 14.19 -21.93 11.36
CA MET D 81 14.86 -21.11 10.36
C MET D 81 16.36 -21.07 10.62
N LEU D 82 17.15 -21.49 9.62
CA LEU D 82 18.60 -21.56 9.69
C LEU D 82 19.19 -20.28 9.09
N HIS D 83 19.46 -19.29 9.94
CA HIS D 83 20.17 -18.06 9.55
C HIS D 83 21.68 -18.30 9.72
N ALA D 84 22.37 -18.55 8.61
CA ALA D 84 23.81 -18.84 8.62
C ALA D 84 24.65 -17.60 8.34
N THR D 85 25.51 -17.23 9.30
CA THR D 85 26.36 -16.06 9.13
C THR D 85 27.43 -16.28 8.05
N THR D 86 28.25 -17.33 8.17
CA THR D 86 29.43 -17.44 7.31
C THR D 86 29.20 -18.42 6.17
N GLU D 87 30.08 -18.33 5.15
CA GLU D 87 29.97 -19.22 4.00
C GLU D 87 30.22 -20.66 4.39
N GLU D 88 30.97 -20.91 5.46
CA GLU D 88 31.07 -22.26 6.00
C GLU D 88 29.73 -22.70 6.56
N GLU D 89 29.06 -21.83 7.32
CA GLU D 89 27.77 -22.15 7.90
C GLU D 89 26.71 -22.34 6.83
N ALA D 90 26.86 -21.63 5.71
CA ALA D 90 25.91 -21.73 4.61
C ALA D 90 25.82 -23.14 4.06
N LEU D 91 26.97 -23.77 3.80
CA LEU D 91 26.97 -25.11 3.25
C LEU D 91 26.29 -26.11 4.18
N GLU D 92 26.61 -26.05 5.48
CA GLU D 92 26.01 -27.06 6.36
C GLU D 92 24.54 -26.79 6.65
N ASN D 93 24.09 -25.53 6.56
CA ASN D 93 22.66 -25.32 6.67
C ASN D 93 21.93 -25.72 5.39
N MET D 94 22.55 -25.50 4.24
CA MET D 94 22.04 -26.10 3.00
C MET D 94 21.91 -27.61 3.15
N ASP D 95 22.90 -28.23 3.79
CA ASP D 95 22.87 -29.68 4.02
C ASP D 95 21.66 -30.08 4.86
N LYS D 96 21.54 -29.50 6.05
CA LYS D 96 20.42 -29.83 6.93
C LYS D 96 19.08 -29.55 6.24
N PHE D 97 19.06 -28.53 5.38
CA PHE D 97 17.83 -28.14 4.70
C PHE D 97 17.41 -29.20 3.69
N LEU D 98 18.31 -29.56 2.79
CA LEU D 98 18.01 -30.63 1.83
C LEU D 98 17.69 -31.94 2.53
N GLU D 99 18.33 -32.21 3.68
CA GLU D 99 18.05 -33.45 4.40
C GLU D 99 16.62 -33.46 4.93
N SER D 100 16.16 -32.34 5.49
CA SER D 100 14.78 -32.30 5.96
C SER D 100 13.82 -32.30 4.79
N TRP D 101 14.29 -31.84 3.64
CA TRP D 101 13.45 -31.76 2.46
C TRP D 101 13.15 -33.16 1.94
N GLU D 102 14.20 -33.98 1.79
CA GLU D 102 14.00 -35.38 1.43
C GLU D 102 13.14 -36.11 2.46
N LYS D 103 13.39 -35.86 3.75
CA LYS D 103 12.60 -36.52 4.80
C LYS D 103 11.10 -36.29 4.59
N VAL D 104 10.70 -35.02 4.51
CA VAL D 104 9.29 -34.70 4.35
C VAL D 104 8.77 -35.22 3.02
N PHE D 105 9.58 -35.13 1.96
CA PHE D 105 9.16 -35.65 0.66
C PHE D 105 8.78 -37.12 0.72
N LYS D 106 9.58 -37.94 1.43
CA LYS D 106 9.26 -39.36 1.55
C LYS D 106 7.96 -39.56 2.31
N GLU D 107 7.83 -38.91 3.47
CA GLU D 107 6.57 -39.05 4.20
C GLU D 107 5.40 -38.70 3.29
N LEU D 108 5.61 -37.74 2.39
CA LEU D 108 4.57 -37.22 1.52
C LEU D 108 4.17 -38.24 0.46
N LEU D 109 5.17 -38.81 -0.19
CA LEU D 109 4.89 -39.83 -1.20
C LEU D 109 4.10 -40.98 -0.61
N GLU D 110 4.50 -41.46 0.58
CA GLU D 110 3.74 -42.58 1.14
C GLU D 110 2.31 -42.18 1.44
N TYR D 111 2.09 -40.99 2.03
CA TYR D 111 0.73 -40.57 2.35
C TYR D 111 -0.14 -40.51 1.09
N HIS D 112 0.34 -39.85 0.05
CA HIS D 112 -0.49 -39.65 -1.14
C HIS D 112 -0.67 -40.93 -1.96
N PHE D 113 0.30 -41.84 -1.93
CA PHE D 113 0.11 -43.09 -2.65
C PHE D 113 -0.88 -43.99 -1.91
N GLU D 114 -0.84 -43.99 -0.58
CA GLU D 114 -1.77 -44.82 0.18
C GLU D 114 -3.19 -44.28 0.11
N HIS D 115 -3.36 -42.99 0.43
CA HIS D 115 -4.71 -42.42 0.45
C HIS D 115 -5.25 -42.16 -0.95
N ASN D 116 -4.40 -42.19 -1.98
CA ASN D 116 -4.80 -41.88 -3.35
C ASN D 116 -5.53 -40.55 -3.43
N ASP D 117 -5.11 -39.60 -2.60
CA ASP D 117 -5.78 -38.32 -2.47
C ASP D 117 -5.11 -37.26 -3.34
N PRO D 120 -2.95 -30.64 -3.73
CA PRO D 120 -2.06 -29.70 -4.42
C PRO D 120 -0.71 -29.62 -3.73
N THR D 121 -0.45 -30.58 -2.85
CA THR D 121 0.75 -30.53 -2.02
C THR D 121 2.01 -30.61 -2.86
N PHE D 122 1.98 -31.41 -3.93
CA PHE D 122 3.19 -31.62 -4.71
C PHE D 122 3.60 -30.33 -5.42
N ASP D 123 2.63 -29.63 -6.01
CA ASP D 123 2.92 -28.39 -6.71
C ASP D 123 3.41 -27.31 -5.73
N PHE D 124 2.84 -27.29 -4.53
CA PHE D 124 3.35 -26.44 -3.45
C PHE D 124 4.82 -26.73 -3.17
N PHE D 125 5.12 -28.00 -2.90
CA PHE D 125 6.47 -28.48 -2.65
C PHE D 125 7.43 -28.01 -3.74
N LEU D 126 7.05 -28.21 -5.00
CA LEU D 126 7.88 -27.84 -6.14
C LEU D 126 8.15 -26.34 -6.18
N ASP D 127 7.07 -25.54 -6.20
CA ASP D 127 7.24 -24.09 -6.31
C ASP D 127 7.95 -23.51 -5.09
N PHE D 128 7.77 -24.13 -3.93
CA PHE D 128 8.44 -23.69 -2.72
C PHE D 128 9.94 -23.98 -2.77
N LEU D 129 10.33 -25.12 -3.36
CA LEU D 129 11.75 -25.35 -3.59
C LEU D 129 12.31 -24.30 -4.54
N TRP D 130 11.61 -24.07 -5.65
CA TRP D 130 11.92 -22.95 -6.56
C TRP D 130 12.25 -21.70 -5.77
N TRP D 131 11.32 -21.30 -4.89
CA TRP D 131 11.48 -20.04 -4.15
C TRP D 131 12.67 -20.09 -3.20
N GLN D 132 12.75 -21.12 -2.35
CA GLN D 132 13.81 -21.17 -1.36
C GLN D 132 15.19 -21.27 -1.98
N LEU D 133 15.29 -21.57 -3.27
CA LEU D 133 16.59 -21.60 -3.93
C LEU D 133 16.81 -20.41 -4.85
N TYR D 134 15.86 -20.13 -5.73
CA TYR D 134 16.00 -19.04 -6.70
C TYR D 134 15.41 -17.74 -6.16
N GLY D 135 14.89 -16.90 -7.06
CA GLY D 135 14.24 -15.67 -6.68
C GLY D 135 12.90 -15.86 -6.02
N GLU D 136 11.90 -16.24 -6.81
CA GLU D 136 10.55 -16.45 -6.30
C GLU D 136 9.83 -17.56 -7.07
#